data_3ALS
#
_entry.id   3ALS
#
_cell.length_a   86.065
_cell.length_b   86.065
_cell.length_c   375.321
_cell.angle_alpha   90.00
_cell.angle_beta   90.00
_cell.angle_gamma   120.00
#
_symmetry.space_group_name_H-M   'P 65'
#
loop_
_entity.id
_entity.type
_entity.pdbx_description
1 polymer 'Lectin CEL-IV, C-type'
2 non-polymer 'CALCIUM ION'
3 water water
#
_entity_poly.entity_id   1
_entity_poly.type   'polypeptide(L)'
_entity_poly.pdbx_seq_one_letter_code
;CLTSCPPLWTGFNGKCFRLFHNHLNFDNAENACRQFGLASCSGDELATGHLASIHSAESQAFLTELVKTSLPDLITGGWA
PQVYIGMKVGSTNSDQTWTDGSSVDYDGWVSGEPNNGPNSRGAIAAGDYSRGFWADVYSNNNFKYICQLPCVHYTLE
;
_entity_poly.pdbx_strand_id   A,B,C,D
#
loop_
_chem_comp.id
_chem_comp.type
_chem_comp.name
_chem_comp.formula
CA non-polymer 'CALCIUM ION' 'Ca 2'
#
# COMPACT_ATOMS: atom_id res chain seq x y z
N LEU A 2 -6.33 -3.97 2.89
CA LEU A 2 -5.47 -2.94 3.61
C LEU A 2 -5.17 -1.66 2.80
N THR A 3 -5.47 -0.51 3.42
CA THR A 3 -5.52 0.79 2.74
C THR A 3 -4.27 1.60 2.99
N SER A 4 -3.84 2.37 2.00
CA SER A 4 -2.60 3.13 2.12
C SER A 4 -2.88 4.60 2.39
N CYS A 5 -2.47 5.10 3.55
CA CYS A 5 -2.73 6.50 3.88
C CYS A 5 -1.49 7.24 4.33
N PRO A 6 -1.38 8.55 4.01
CA PRO A 6 -0.30 9.38 4.55
C PRO A 6 -0.14 9.26 6.06
N PRO A 7 1.05 9.62 6.57
CA PRO A 7 1.18 9.60 8.04
C PRO A 7 0.20 10.56 8.73
N LEU A 8 -0.23 10.14 9.92
CA LEU A 8 -1.22 10.79 10.76
C LEU A 8 -2.67 10.51 10.32
N TRP A 9 -2.86 9.97 9.12
CA TRP A 9 -4.19 9.59 8.68
C TRP A 9 -4.40 8.13 8.90
N THR A 10 -5.61 7.63 8.69
CA THR A 10 -5.87 6.23 9.00
C THR A 10 -6.96 5.80 8.05
N GLY A 11 -6.90 4.54 7.62
CA GLY A 11 -7.65 4.15 6.42
C GLY A 11 -8.68 3.06 6.65
N PHE A 12 -9.86 3.24 6.05
CA PHE A 12 -10.86 2.18 6.07
C PHE A 12 -11.44 2.13 4.69
N ASN A 13 -11.48 0.92 4.10
CA ASN A 13 -11.99 0.68 2.72
C ASN A 13 -11.59 1.63 1.62
N GLY A 14 -10.32 1.99 1.51
CA GLY A 14 -9.93 2.72 0.35
C GLY A 14 -9.99 4.21 0.55
N LYS A 15 -10.63 4.66 1.64
CA LYS A 15 -10.59 6.09 1.92
C LYS A 15 -9.77 6.32 3.17
N CYS A 16 -9.22 7.53 3.23
CA CYS A 16 -8.32 7.98 4.29
C CYS A 16 -8.90 9.11 5.14
N PHE A 17 -8.93 8.86 6.44
CA PHE A 17 -9.52 9.78 7.43
C PHE A 17 -8.57 10.37 8.46
N ARG A 18 -8.80 11.62 8.82
CA ARG A 18 -8.23 12.19 10.03
C ARG A 18 -9.27 12.98 10.86
N LEU A 19 -9.28 12.77 12.17
CA LEU A 19 -10.09 13.58 13.12
C LEU A 19 -9.38 14.89 13.52
N PHE A 20 -9.94 16.04 13.25
CA PHE A 20 -9.24 17.28 13.70
C PHE A 20 -9.80 17.82 15.01
N HIS A 21 -8.90 18.23 15.93
CA HIS A 21 -9.29 18.54 17.28
C HIS A 21 -9.67 19.99 17.49
N ASN A 22 -9.45 20.90 16.55
CA ASN A 22 -9.80 22.26 16.91
C ASN A 22 -11.18 22.65 16.38
N HIS A 23 -12.12 23.01 17.25
CA HIS A 23 -13.52 23.32 16.88
C HIS A 23 -13.70 24.43 15.86
N LEU A 24 -14.38 24.11 14.76
CA LEU A 24 -14.67 25.05 13.70
C LEU A 24 -16.13 24.94 13.37
N ASN A 25 -16.72 25.97 12.80
CA ASN A 25 -18.11 25.84 12.35
C ASN A 25 -18.14 25.02 11.09
N PHE A 26 -19.32 24.67 10.60
CA PHE A 26 -19.41 23.75 9.48
C PHE A 26 -18.64 24.25 8.27
N ASP A 27 -18.93 25.47 7.87
CA ASP A 27 -18.23 25.96 6.70
C ASP A 27 -16.70 25.88 6.73
N ASN A 28 -16.12 26.44 7.78
CA ASN A 28 -14.70 26.44 7.93
C ASN A 28 -14.17 25.04 8.18
N ALA A 29 -14.95 24.16 8.79
CA ALA A 29 -14.55 22.75 8.86
C ALA A 29 -14.42 22.08 7.45
N GLU A 30 -15.40 22.29 6.55
CA GLU A 30 -15.31 21.83 5.17
C GLU A 30 -14.11 22.48 4.50
N ASN A 31 -13.95 23.77 4.72
CA ASN A 31 -12.81 24.44 4.20
C ASN A 31 -11.47 23.90 4.69
N ALA A 32 -11.33 23.62 5.96
CA ALA A 32 -10.08 23.07 6.46
C ALA A 32 -9.73 21.82 5.69
N CYS A 33 -10.73 21.01 5.40
CA CYS A 33 -10.53 19.77 4.74
C CYS A 33 -10.11 19.97 3.29
N ARG A 34 -10.64 20.98 2.65
CA ARG A 34 -10.23 21.28 1.29
C ARG A 34 -8.77 21.76 1.12
N GLN A 35 -8.05 21.91 2.24
CA GLN A 35 -6.68 22.36 2.13
C GLN A 35 -5.85 21.16 1.72
N PHE A 36 -6.33 19.96 2.05
CA PHE A 36 -5.77 18.74 1.53
C PHE A 36 -6.25 18.42 0.12
N GLY A 37 -5.40 17.81 -0.72
CA GLY A 37 -5.78 17.53 -2.11
C GLY A 37 -5.12 16.32 -2.73
N LEU A 38 -5.32 16.16 -4.03
CA LEU A 38 -4.65 15.12 -4.79
C LEU A 38 -4.19 15.85 -6.02
N ALA A 39 -2.88 15.80 -6.30
CA ALA A 39 -2.40 16.38 -7.57
C ALA A 39 -1.70 15.33 -8.44
N SER A 40 -1.64 15.60 -9.75
CA SER A 40 -0.81 14.73 -10.61
C SER A 40 0.64 15.04 -10.30
N CYS A 41 1.51 14.05 -10.43
CA CYS A 41 2.94 14.32 -10.41
C CYS A 41 3.40 15.45 -11.38
N SER A 42 2.88 15.53 -12.63
CA SER A 42 3.06 16.71 -13.52
C SER A 42 2.89 18.06 -12.77
N GLY A 43 2.09 18.09 -11.70
CA GLY A 43 1.84 19.34 -11.00
C GLY A 43 0.39 19.82 -10.84
N ASP A 44 -0.56 19.40 -11.69
CA ASP A 44 -1.96 19.94 -11.69
C ASP A 44 -2.80 19.43 -10.51
N GLU A 45 -3.52 20.35 -9.83
CA GLU A 45 -4.47 20.00 -8.78
C GLU A 45 -5.63 19.21 -9.41
N LEU A 46 -5.94 18.02 -8.87
CA LEU A 46 -6.96 17.16 -9.46
C LEU A 46 -8.25 17.09 -8.69
N ALA A 47 -8.13 17.21 -7.37
CA ALA A 47 -9.25 17.08 -6.47
C ALA A 47 -8.90 17.55 -5.06
N THR A 48 -9.93 17.58 -4.21
CA THR A 48 -9.86 18.23 -2.90
C THR A 48 -10.34 17.26 -1.86
N GLY A 49 -9.83 17.38 -0.64
CA GLY A 49 -10.44 16.69 0.54
C GLY A 49 -11.80 17.27 0.93
N HIS A 50 -12.53 16.56 1.78
CA HIS A 50 -13.81 17.08 2.23
C HIS A 50 -14.07 16.51 3.58
N LEU A 51 -15.12 17.04 4.22
CA LEU A 51 -15.65 16.42 5.43
C LEU A 51 -16.05 15.00 5.07
N ALA A 52 -15.83 14.07 5.97
CA ALA A 52 -16.04 12.66 5.65
C ALA A 52 -17.47 12.44 5.17
N SER A 53 -17.66 11.56 4.18
CA SER A 53 -19.04 11.12 3.84
C SER A 53 -19.10 9.68 4.26
N ILE A 54 -20.29 9.18 4.53
CA ILE A 54 -20.41 7.83 5.07
C ILE A 54 -21.38 7.01 4.25
N HIS A 55 -20.96 5.79 3.90
CA HIS A 55 -21.79 4.98 3.02
C HIS A 55 -22.15 3.57 3.50
N SER A 56 -22.05 3.26 4.76
CA SER A 56 -22.53 1.96 5.12
C SER A 56 -22.48 1.70 6.61
N ALA A 57 -23.18 0.72 7.12
CA ALA A 57 -23.09 0.42 8.54
C ALA A 57 -21.62 0.32 8.96
N GLU A 58 -20.80 -0.32 8.12
CA GLU A 58 -19.41 -0.57 8.45
C GLU A 58 -18.61 0.76 8.51
N SER A 59 -18.67 1.58 7.45
CA SER A 59 -17.99 2.88 7.41
C SER A 59 -18.38 3.56 8.76
N GLN A 60 -19.68 3.79 8.96
CA GLN A 60 -20.25 4.38 10.17
C GLN A 60 -19.73 3.76 11.48
N ALA A 61 -19.53 2.46 11.55
CA ALA A 61 -19.12 1.87 12.82
C ALA A 61 -17.65 2.25 13.09
N PHE A 62 -16.92 2.41 11.98
CA PHE A 62 -15.50 2.66 12.03
C PHE A 62 -15.39 4.09 12.49
N LEU A 63 -15.92 5.05 11.74
CA LEU A 63 -15.82 6.44 12.20
C LEU A 63 -16.31 6.59 13.66
N THR A 64 -17.35 5.84 14.07
CA THR A 64 -17.74 5.91 15.46
C THR A 64 -16.52 5.52 16.29
N GLU A 65 -15.89 4.39 15.99
CA GLU A 65 -14.72 3.97 16.77
C GLU A 65 -13.52 4.96 16.68
N LEU A 66 -13.32 5.54 15.50
CA LEU A 66 -12.34 6.56 15.42
C LEU A 66 -12.57 7.58 16.52
N VAL A 67 -13.80 8.10 16.61
CA VAL A 67 -14.18 9.16 17.54
C VAL A 67 -14.09 8.66 18.95
N LYS A 68 -14.79 7.57 19.26
CA LYS A 68 -14.85 7.06 20.62
C LYS A 68 -13.43 6.74 21.15
N THR A 69 -12.53 6.20 20.33
CA THR A 69 -11.18 5.89 20.88
C THR A 69 -10.19 7.04 20.83
N SER A 70 -10.39 7.98 19.93
CA SER A 70 -9.62 9.19 19.94
C SER A 70 -9.87 10.16 21.10
N LEU A 71 -11.05 10.07 21.71
CA LEU A 71 -11.62 11.12 22.56
C LEU A 71 -12.23 10.48 23.78
N PRO A 72 -11.62 9.45 24.34
CA PRO A 72 -12.44 8.68 25.31
C PRO A 72 -12.85 9.51 26.53
N ASP A 73 -12.15 10.59 26.77
CA ASP A 73 -12.54 11.40 27.89
C ASP A 73 -13.69 12.35 27.67
N LEU A 74 -14.18 12.44 26.44
CA LEU A 74 -15.12 13.44 26.03
C LEU A 74 -16.47 12.79 25.80
N ILE A 75 -16.49 11.49 26.03
CA ILE A 75 -17.66 10.64 25.81
C ILE A 75 -18.52 10.86 27.04
N THR A 76 -19.69 11.49 26.87
CA THR A 76 -20.68 11.76 27.94
C THR A 76 -21.77 10.71 27.83
N GLY A 77 -22.65 10.68 28.84
CA GLY A 77 -23.90 9.88 28.75
C GLY A 77 -24.96 10.46 27.78
N GLY A 78 -24.79 11.69 27.30
CA GLY A 78 -25.72 12.25 26.39
C GLY A 78 -25.37 12.09 24.91
N TRP A 79 -25.34 13.23 24.21
CA TRP A 79 -25.03 13.31 22.78
C TRP A 79 -23.54 13.51 22.57
N ALA A 80 -22.95 14.35 23.41
CA ALA A 80 -21.54 14.79 23.33
C ALA A 80 -20.58 13.61 23.43
N PRO A 81 -19.51 13.62 22.61
CA PRO A 81 -19.06 14.71 21.75
C PRO A 81 -19.68 14.69 20.37
N GLN A 82 -19.92 15.85 19.82
CA GLN A 82 -20.36 15.87 18.47
C GLN A 82 -19.22 16.22 17.53
N VAL A 83 -19.04 15.37 16.52
CA VAL A 83 -18.01 15.62 15.49
C VAL A 83 -18.63 15.80 14.10
N TYR A 84 -18.32 16.89 13.42
CA TYR A 84 -18.92 17.15 12.11
C TYR A 84 -18.58 16.08 11.09
N ILE A 85 -19.55 15.67 10.26
CA ILE A 85 -19.27 14.95 8.99
C ILE A 85 -19.82 15.80 7.88
N GLY A 86 -19.71 15.36 6.63
CA GLY A 86 -19.99 16.28 5.52
C GLY A 86 -21.46 16.42 5.06
N MET A 87 -22.38 16.02 5.93
CA MET A 87 -23.81 15.98 5.67
C MET A 87 -24.47 17.38 5.66
N LYS A 88 -25.20 17.71 4.60
CA LYS A 88 -25.97 18.98 4.57
C LYS A 88 -27.42 18.63 4.44
N VAL A 89 -28.29 19.34 5.17
CA VAL A 89 -29.75 19.14 5.11
C VAL A 89 -30.36 20.44 4.64
N GLY A 90 -30.97 20.46 3.43
CA GLY A 90 -31.57 21.71 2.84
C GLY A 90 -33.02 22.00 3.30
N SER A 91 -33.86 22.47 2.37
CA SER A 91 -35.23 22.90 2.71
C SER A 91 -36.19 21.79 3.25
N THR A 92 -36.59 20.82 2.42
CA THR A 92 -37.27 19.62 2.91
C THR A 92 -36.14 18.84 3.68
N ASN A 93 -36.53 18.08 4.70
CA ASN A 93 -35.59 17.18 5.38
C ASN A 93 -35.04 16.08 4.51
N SER A 94 -35.59 15.93 3.33
CA SER A 94 -35.16 14.88 2.41
C SER A 94 -34.13 15.42 1.37
N ASP A 95 -33.71 16.70 1.51
CA ASP A 95 -32.62 17.26 0.65
C ASP A 95 -31.27 17.10 1.38
N GLN A 96 -30.86 15.83 1.49
CA GLN A 96 -29.57 15.49 2.05
C GLN A 96 -28.53 15.37 0.93
N THR A 97 -27.48 16.18 0.98
CA THR A 97 -26.30 15.96 0.14
C THR A 97 -25.03 15.82 1.02
N TRP A 98 -23.96 15.25 0.44
CA TRP A 98 -22.64 15.15 1.07
C TRP A 98 -21.75 16.18 0.41
N THR A 99 -20.75 16.72 1.10
CA THR A 99 -20.00 17.83 0.47
C THR A 99 -19.08 17.35 -0.67
N ASP A 100 -18.68 16.08 -0.58
CA ASP A 100 -17.77 15.55 -1.55
C ASP A 100 -18.53 15.25 -2.89
N GLY A 101 -19.86 15.34 -2.81
CA GLY A 101 -20.75 15.09 -3.95
C GLY A 101 -21.11 13.60 -4.07
N SER A 102 -20.62 12.76 -3.16
CA SER A 102 -21.03 11.35 -3.16
C SER A 102 -22.53 11.26 -2.91
N SER A 103 -23.13 10.08 -3.02
CA SER A 103 -24.58 10.10 -2.87
C SER A 103 -25.09 9.49 -1.56
N VAL A 104 -26.15 10.09 -1.02
CA VAL A 104 -26.66 9.68 0.28
C VAL A 104 -27.28 8.32 0.17
N ASP A 105 -26.48 7.26 0.22
CA ASP A 105 -27.03 5.90 0.08
C ASP A 105 -27.04 5.19 1.39
N TYR A 106 -26.66 5.92 2.46
CA TYR A 106 -26.67 5.34 3.85
C TYR A 106 -27.33 6.32 4.79
N ASP A 107 -28.23 5.80 5.62
CA ASP A 107 -29.00 6.58 6.58
C ASP A 107 -28.50 6.21 8.00
N GLY A 108 -27.79 7.16 8.61
CA GLY A 108 -27.25 6.91 9.95
C GLY A 108 -27.72 7.88 11.00
N TRP A 109 -28.79 8.62 10.68
CA TRP A 109 -29.44 9.47 11.67
C TRP A 109 -29.94 8.69 12.86
N VAL A 110 -29.77 9.31 14.03
CA VAL A 110 -30.44 8.91 15.25
C VAL A 110 -31.92 9.14 15.01
N SER A 111 -32.69 8.17 15.49
CA SER A 111 -34.15 8.30 15.63
C SER A 111 -34.64 9.73 15.96
N GLY A 112 -35.46 10.35 15.10
CA GLY A 112 -35.89 11.74 15.27
C GLY A 112 -35.08 12.78 14.44
N GLU A 113 -33.93 12.37 13.89
CA GLU A 113 -33.04 13.35 13.26
C GLU A 113 -33.13 13.11 11.76
N PRO A 114 -32.95 14.16 10.92
CA PRO A 114 -32.76 15.58 11.23
C PRO A 114 -34.07 16.18 11.72
N ASN A 115 -34.00 17.42 12.17
CA ASN A 115 -35.10 18.10 12.85
C ASN A 115 -34.74 19.57 13.23
N ASN A 116 -33.62 20.10 12.76
CA ASN A 116 -33.36 21.51 12.96
C ASN A 116 -33.16 22.17 11.60
N GLY A 117 -33.83 21.64 10.57
CA GLY A 117 -33.75 22.19 9.20
C GLY A 117 -34.55 23.47 9.15
N PRO A 118 -34.50 24.21 8.02
CA PRO A 118 -33.64 24.07 6.82
C PRO A 118 -32.16 24.31 7.12
N ASN A 119 -31.26 23.85 6.25
CA ASN A 119 -29.82 24.16 6.36
C ASN A 119 -29.08 23.82 7.66
N SER A 120 -29.45 22.66 8.24
CA SER A 120 -28.69 22.07 9.33
C SER A 120 -27.56 21.22 8.73
N ARG A 121 -26.71 20.65 9.60
CA ARG A 121 -25.56 19.87 9.15
C ARG A 121 -25.41 18.69 10.10
N GLY A 122 -24.82 17.61 9.62
CA GLY A 122 -24.85 16.38 10.42
C GLY A 122 -23.59 16.19 11.22
N ALA A 123 -23.66 15.45 12.32
CA ALA A 123 -22.47 15.23 13.12
C ALA A 123 -22.59 13.91 13.78
N ILE A 124 -21.48 13.20 13.87
CA ILE A 124 -21.43 12.00 14.67
C ILE A 124 -21.62 12.48 16.11
N ALA A 125 -22.53 11.86 16.85
CA ALA A 125 -22.75 12.25 18.23
C ALA A 125 -22.38 11.04 18.97
N ALA A 126 -21.21 11.09 19.58
CA ALA A 126 -20.60 9.92 20.15
C ALA A 126 -21.03 9.57 21.55
N GLY A 127 -21.89 10.39 22.12
CA GLY A 127 -22.38 10.14 23.49
C GLY A 127 -23.09 8.80 23.67
N ASP A 128 -23.23 8.30 24.88
CA ASP A 128 -23.86 6.99 25.03
C ASP A 128 -25.33 6.98 24.60
N TYR A 129 -25.91 8.14 24.41
CA TYR A 129 -27.30 8.17 24.01
C TYR A 129 -27.49 7.97 22.51
N SER A 130 -26.78 8.78 21.76
CA SER A 130 -26.82 8.71 20.32
C SER A 130 -25.90 7.66 19.73
N ARG A 131 -25.04 7.10 20.60
CA ARG A 131 -24.20 5.93 20.35
C ARG A 131 -23.40 5.98 19.00
N GLY A 132 -23.05 7.21 18.56
CA GLY A 132 -22.39 7.44 17.30
C GLY A 132 -23.21 7.97 16.16
N PHE A 133 -24.50 7.66 16.14
CA PHE A 133 -25.36 8.02 15.00
C PHE A 133 -25.61 9.49 14.87
N TRP A 134 -26.14 9.94 13.74
CA TRP A 134 -25.99 11.37 13.43
C TRP A 134 -27.02 12.26 14.08
N ALA A 135 -26.64 13.52 14.31
CA ALA A 135 -27.58 14.54 14.75
C ALA A 135 -27.40 15.70 13.84
N ASP A 136 -28.47 16.44 13.58
CA ASP A 136 -28.31 17.68 12.79
C ASP A 136 -28.35 18.90 13.71
N VAL A 137 -27.49 19.86 13.43
CA VAL A 137 -27.20 20.91 14.34
C VAL A 137 -27.10 22.12 13.45
N TYR A 138 -26.87 23.29 14.03
CA TYR A 138 -26.90 24.47 13.19
C TYR A 138 -25.55 24.78 12.67
N SER A 139 -25.57 25.32 11.47
CA SER A 139 -24.34 25.55 10.75
C SER A 139 -23.25 26.30 11.56
N ASN A 140 -23.63 27.15 12.49
CA ASN A 140 -22.63 27.98 13.16
C ASN A 140 -22.17 27.38 14.50
N ASN A 141 -22.73 26.25 14.88
CA ASN A 141 -22.13 25.47 15.96
C ASN A 141 -20.66 25.22 15.66
N ASN A 142 -19.79 25.27 16.66
CA ASN A 142 -18.36 25.05 16.52
C ASN A 142 -17.97 23.67 17.07
N PHE A 143 -17.52 22.72 16.24
CA PHE A 143 -17.15 21.36 16.73
C PHE A 143 -15.87 20.80 16.10
N LYS A 144 -15.37 19.70 16.67
CA LYS A 144 -14.34 18.85 16.02
C LYS A 144 -14.89 18.27 14.73
N TYR A 145 -14.05 17.91 13.79
CA TYR A 145 -14.55 17.46 12.50
C TYR A 145 -13.71 16.32 12.00
N ILE A 146 -14.23 15.57 11.01
CA ILE A 146 -13.47 14.48 10.35
C ILE A 146 -13.24 14.77 8.88
N CYS A 147 -12.00 14.74 8.40
CA CYS A 147 -11.83 14.90 6.95
C CYS A 147 -11.53 13.58 6.32
N GLN A 148 -11.81 13.54 5.02
CA GLN A 148 -11.38 12.43 4.21
C GLN A 148 -10.57 12.99 3.08
N LEU A 149 -9.48 12.30 2.76
CA LEU A 149 -8.69 12.71 1.58
C LEU A 149 -9.44 12.35 0.34
N PRO A 150 -9.14 12.99 -0.79
CA PRO A 150 -9.88 12.69 -2.03
C PRO A 150 -10.00 11.18 -2.33
N CYS A 151 -11.22 10.78 -2.66
CA CYS A 151 -11.52 9.41 -2.93
C CYS A 151 -11.36 9.12 -4.41
N VAL A 152 -10.57 8.11 -4.71
CA VAL A 152 -10.11 7.93 -6.07
C VAL A 152 -9.77 6.44 -6.29
N HIS A 153 -10.11 5.93 -7.49
CA HIS A 153 -9.79 4.53 -7.88
C HIS A 153 -9.35 4.50 -9.34
N TYR A 154 -8.58 3.47 -9.70
CA TYR A 154 -8.21 3.24 -11.10
C TYR A 154 -9.35 2.70 -11.88
N THR A 155 -9.51 3.14 -13.14
CA THR A 155 -10.52 2.64 -14.04
C THR A 155 -9.72 1.79 -15.05
N LEU A 156 -9.93 0.47 -15.08
CA LEU A 156 -9.23 -0.37 -16.08
C LEU A 156 -10.13 -0.89 -17.22
N GLU A 157 -11.16 -0.11 -17.63
CA GLU A 157 -12.56 -0.69 -17.75
C GLU A 157 -12.62 -2.16 -18.17
N LEU B 2 4.52 5.84 0.72
CA LEU B 2 3.15 5.61 1.35
C LEU B 2 2.89 4.21 1.94
N THR B 3 2.64 4.16 3.25
CA THR B 3 2.63 2.93 4.07
C THR B 3 1.23 2.37 4.21
N SER B 4 1.10 1.05 4.26
CA SER B 4 -0.21 0.40 4.37
C SER B 4 -0.46 -0.04 5.78
N CYS B 5 -1.48 0.48 6.44
CA CYS B 5 -1.75 0.08 7.80
C CYS B 5 -3.21 -0.31 8.04
N PRO B 6 -3.48 -1.25 8.97
CA PRO B 6 -4.86 -1.54 9.34
C PRO B 6 -5.67 -0.30 9.76
N PRO B 7 -7.01 -0.38 9.72
CA PRO B 7 -7.78 0.78 10.20
C PRO B 7 -7.53 1.07 11.64
N LEU B 8 -7.56 2.38 11.95
CA LEU B 8 -7.27 2.96 13.24
C LEU B 8 -5.76 3.17 13.50
N TRP B 9 -4.89 2.50 12.71
CA TRP B 9 -3.46 2.69 12.84
C TRP B 9 -3.01 3.70 11.83
N THR B 10 -1.73 4.05 11.88
CA THR B 10 -1.22 5.14 11.05
C THR B 10 0.24 4.82 10.79
N GLY B 11 0.71 5.23 9.62
CA GLY B 11 1.95 4.69 9.14
C GLY B 11 2.98 5.73 8.84
N PHE B 12 4.22 5.42 9.21
CA PHE B 12 5.33 6.25 8.81
C PHE B 12 6.46 5.32 8.48
N ASN B 13 7.03 5.50 7.27
CA ASN B 13 8.13 4.68 6.74
C ASN B 13 8.02 3.21 6.89
N GLY B 14 6.87 2.63 6.59
CA GLY B 14 6.74 1.17 6.59
C GLY B 14 6.45 0.51 7.94
N LYS B 15 6.47 1.28 9.03
CA LYS B 15 5.95 0.77 10.30
C LYS B 15 4.63 1.46 10.59
N CYS B 16 3.80 0.71 11.31
CA CYS B 16 2.44 1.11 11.69
C CYS B 16 2.27 1.34 13.20
N PHE B 17 1.82 2.55 13.54
CA PHE B 17 1.71 2.97 14.92
C PHE B 17 0.25 3.23 15.36
N ARG B 18 -0.04 2.96 16.63
CA ARG B 18 -1.24 3.46 17.26
C ARG B 18 -0.99 4.01 18.69
N LEU B 19 -1.61 5.15 19.03
CA LEU B 19 -1.45 5.70 20.39
C LEU B 19 -2.52 5.15 21.33
N PHE B 20 -2.22 4.49 22.42
CA PHE B 20 -3.34 4.01 23.26
C PHE B 20 -3.61 4.92 24.46
N HIS B 21 -4.88 5.20 24.76
CA HIS B 21 -5.21 6.20 25.72
C HIS B 21 -5.34 5.69 27.11
N ASN B 22 -5.38 4.40 27.33
CA ASN B 22 -5.56 4.03 28.73
C ASN B 22 -4.25 3.82 29.49
N HIS B 23 -4.04 4.47 30.63
CA HIS B 23 -2.74 4.42 31.34
C HIS B 23 -2.37 3.05 31.84
N LEU B 24 -1.23 2.54 31.40
CA LEU B 24 -0.72 1.26 31.92
C LEU B 24 0.71 1.42 32.34
N ASN B 25 1.17 0.56 33.25
CA ASN B 25 2.58 0.59 33.61
C ASN B 25 3.36 -0.01 32.47
N PHE B 26 4.70 0.13 32.47
CA PHE B 26 5.53 -0.24 31.32
C PHE B 26 5.29 -1.67 30.94
N ASP B 27 5.50 -2.59 31.86
CA ASP B 27 5.23 -3.96 31.52
C ASP B 27 3.93 -4.27 30.85
N ASN B 28 2.81 -3.98 31.49
CA ASN B 28 1.54 -4.20 30.84
C ASN B 28 1.35 -3.41 29.57
N ALA B 29 2.05 -2.28 29.37
CA ALA B 29 1.95 -1.55 28.11
C ALA B 29 2.65 -2.31 26.99
N GLU B 30 3.80 -2.92 27.29
CA GLU B 30 4.47 -3.77 26.33
C GLU B 30 3.55 -4.94 25.99
N ASN B 31 3.08 -5.59 27.02
CA ASN B 31 2.14 -6.63 26.86
C ASN B 31 0.91 -6.32 26.02
N ALA B 32 0.26 -5.19 26.28
CA ALA B 32 -0.91 -4.77 25.51
C ALA B 32 -0.54 -4.75 24.05
N CYS B 33 0.66 -4.27 23.73
CA CYS B 33 1.06 -4.19 22.36
C CYS B 33 1.27 -5.57 21.78
N ARG B 34 1.79 -6.50 22.59
CA ARG B 34 1.99 -7.88 22.11
C ARG B 34 0.70 -8.66 21.79
N GLN B 35 -0.46 -8.05 22.03
CA GLN B 35 -1.71 -8.72 21.70
C GLN B 35 -1.95 -8.68 20.19
N PHE B 36 -1.44 -7.64 19.53
CA PHE B 36 -1.32 -7.53 18.07
C PHE B 36 -0.17 -8.36 17.47
N GLY B 37 -0.39 -8.97 16.32
CA GLY B 37 0.62 -9.85 15.75
C GLY B 37 0.64 -9.86 14.25
N LEU B 38 1.43 -10.78 13.70
CA LEU B 38 1.53 -10.99 12.27
C LEU B 38 1.55 -12.48 12.18
N ALA B 39 0.63 -13.06 11.40
CA ALA B 39 0.64 -14.53 11.20
C ALA B 39 0.69 -14.83 9.74
N SER B 40 1.10 -16.05 9.41
CA SER B 40 1.03 -16.49 8.02
C SER B 40 -0.40 -16.85 7.66
N CYS B 41 -0.74 -16.78 6.37
CA CYS B 41 -2.09 -17.16 5.96
C CYS B 41 -2.41 -18.60 6.33
N SER B 42 -1.43 -19.52 6.21
CA SER B 42 -1.53 -20.93 6.74
C SER B 42 -2.10 -21.00 8.16
N GLY B 43 -1.81 -19.99 9.00
CA GLY B 43 -2.27 -19.97 10.38
C GLY B 43 -1.23 -19.71 11.47
N ASP B 44 0.09 -20.02 11.26
CA ASP B 44 1.15 -19.85 12.36
C ASP B 44 1.48 -18.38 12.80
N GLU B 45 1.52 -18.11 14.12
CA GLU B 45 1.95 -16.80 14.65
C GLU B 45 3.40 -16.60 14.24
N LEU B 46 3.72 -15.48 13.60
CA LEU B 46 5.13 -15.26 13.17
C LEU B 46 5.89 -14.25 13.98
N ALA B 47 5.16 -13.26 14.53
CA ALA B 47 5.74 -12.13 15.25
C ALA B 47 4.68 -11.37 16.03
N THR B 48 5.14 -10.46 16.88
CA THR B 48 4.34 -9.76 17.87
C THR B 48 4.52 -8.27 17.69
N GLY B 49 3.54 -7.48 18.10
CA GLY B 49 3.70 -6.01 18.16
C GLY B 49 4.51 -5.64 19.38
N HIS B 50 4.96 -4.40 19.48
CA HIS B 50 5.71 -3.99 20.67
C HIS B 50 5.47 -2.54 20.90
N LEU B 51 5.93 -2.04 22.04
CA LEU B 51 6.02 -0.61 22.20
C LEU B 51 6.87 -0.05 21.07
N ALA B 52 6.51 1.10 20.53
CA ALA B 52 7.26 1.66 19.43
C ALA B 52 8.75 1.75 19.75
N SER B 53 9.60 1.49 18.77
CA SER B 53 11.04 1.81 18.87
C SER B 53 11.30 2.92 17.91
N ILE B 54 12.37 3.68 18.07
CA ILE B 54 12.54 4.88 17.25
C ILE B 54 13.94 4.88 16.71
N HIS B 55 14.06 5.12 15.40
CA HIS B 55 15.37 5.08 14.79
C HIS B 55 15.84 6.26 13.98
N SER B 56 15.25 7.44 14.09
CA SER B 56 15.85 8.61 13.41
C SER B 56 15.20 9.91 13.83
N ALA B 57 15.84 11.04 13.55
CA ALA B 57 15.22 12.34 13.73
C ALA B 57 13.79 12.35 13.17
N GLU B 58 13.61 11.87 11.93
CA GLU B 58 12.31 11.81 11.25
C GLU B 58 11.29 10.91 11.99
N SER B 59 11.65 9.67 12.33
CA SER B 59 10.73 8.80 13.08
C SER B 59 10.28 9.63 14.36
N GLN B 60 11.22 9.97 15.23
CA GLN B 60 10.98 10.80 16.39
C GLN B 60 10.12 12.08 16.10
N ALA B 61 10.29 12.72 14.94
CA ALA B 61 9.54 13.99 14.78
C ALA B 61 8.06 13.63 14.63
N PHE B 62 7.88 12.49 13.93
CA PHE B 62 6.58 12.02 13.54
C PHE B 62 5.83 11.62 14.83
N LEU B 63 6.39 10.67 15.58
CA LEU B 63 5.77 10.26 16.81
C LEU B 63 5.50 11.49 17.70
N THR B 64 6.40 12.47 17.72
CA THR B 64 6.11 13.64 18.51
C THR B 64 4.81 14.26 17.99
N GLU B 65 4.69 14.50 16.68
CA GLU B 65 3.41 15.05 16.15
C GLU B 65 2.17 14.15 16.43
N LEU B 66 2.34 12.82 16.31
CA LEU B 66 1.27 11.91 16.69
C LEU B 66 0.75 12.28 18.06
N VAL B 67 1.64 12.44 19.05
CA VAL B 67 1.23 12.68 20.42
C VAL B 67 0.70 14.09 20.55
N LYS B 68 1.52 15.07 20.18
CA LYS B 68 1.02 16.46 20.22
C LYS B 68 -0.39 16.68 19.56
N THR B 69 -0.64 16.08 18.39
CA THR B 69 -1.94 16.33 17.70
C THR B 69 -3.07 15.44 18.30
N SER B 70 -2.75 14.20 18.66
CA SER B 70 -3.68 13.33 19.36
C SER B 70 -4.20 13.86 20.69
N LEU B 71 -3.44 14.69 21.39
CA LEU B 71 -3.63 15.00 22.82
C LEU B 71 -3.46 16.50 23.12
N PRO B 72 -4.02 17.37 22.25
CA PRO B 72 -3.54 18.76 22.32
C PRO B 72 -3.92 19.39 23.65
N ASP B 73 -4.95 18.84 24.30
CA ASP B 73 -5.35 19.40 25.60
C ASP B 73 -4.49 19.00 26.79
N LEU B 74 -3.62 18.02 26.64
CA LEU B 74 -2.82 17.57 27.75
C LEU B 74 -1.38 18.14 27.73
N ILE B 75 -1.09 18.90 26.66
CA ILE B 75 0.21 19.44 26.40
C ILE B 75 0.35 20.54 27.39
N THR B 76 1.24 20.32 28.35
CA THR B 76 1.65 21.33 29.35
C THR B 76 2.88 22.13 28.90
N GLY B 77 3.21 23.20 29.61
CA GLY B 77 4.47 23.92 29.41
C GLY B 77 5.71 23.17 29.96
N GLY B 78 5.49 22.06 30.70
CA GLY B 78 6.56 21.23 31.24
C GLY B 78 7.02 20.03 30.40
N TRP B 79 6.94 18.84 31.00
CA TRP B 79 7.26 17.61 30.35
C TRP B 79 6.01 16.90 29.88
N ALA B 80 4.97 16.90 30.73
CA ALA B 80 3.72 16.20 30.50
C ALA B 80 3.08 16.68 29.18
N PRO B 81 2.48 15.77 28.40
CA PRO B 81 2.20 14.39 28.76
C PRO B 81 3.36 13.50 28.38
N GLN B 82 3.58 12.49 29.21
CA GLN B 82 4.53 11.45 28.90
C GLN B 82 3.83 10.19 28.39
N VAL B 83 4.26 9.78 27.19
CA VAL B 83 3.76 8.57 26.58
C VAL B 83 4.86 7.51 26.47
N TYR B 84 4.63 6.30 26.95
CA TYR B 84 5.66 5.26 26.88
C TYR B 84 6.11 4.89 25.47
N ILE B 85 7.40 4.67 25.25
CA ILE B 85 7.88 3.98 24.05
C ILE B 85 8.63 2.80 24.54
N GLY B 86 9.22 2.00 23.66
CA GLY B 86 9.72 0.72 24.08
C GLY B 86 11.11 0.70 24.65
N MET B 87 11.61 1.83 25.12
CA MET B 87 12.99 1.99 25.62
C MET B 87 13.19 1.43 27.00
N LYS B 88 14.18 0.56 27.19
CA LYS B 88 14.57 0.09 28.58
C LYS B 88 16.01 0.47 28.91
N VAL B 89 16.26 0.84 30.16
CA VAL B 89 17.55 1.33 30.60
C VAL B 89 17.94 0.40 31.74
N GLY B 90 18.96 -0.44 31.55
CA GLY B 90 19.46 -1.41 32.58
C GLY B 90 20.39 -0.82 33.63
N SER B 91 21.47 -1.55 33.99
CA SER B 91 22.37 -1.14 35.12
C SER B 91 23.28 0.13 34.91
N THR B 92 24.29 0.08 34.03
CA THR B 92 24.87 1.31 33.49
C THR B 92 23.70 2.05 32.70
N ASN B 93 23.75 3.37 32.61
CA ASN B 93 22.87 4.12 31.70
C ASN B 93 23.15 3.86 30.22
N SER B 94 24.18 3.12 29.89
CA SER B 94 24.49 2.85 28.49
C SER B 94 23.94 1.46 28.05
N ASP B 95 23.23 0.78 28.96
CA ASP B 95 22.52 -0.46 28.62
C ASP B 95 21.10 -0.13 28.17
N GLN B 96 20.97 0.40 26.97
CA GLN B 96 19.69 0.77 26.43
C GLN B 96 19.31 -0.32 25.43
N THR B 97 18.14 -0.89 25.58
CA THR B 97 17.62 -1.79 24.56
C THR B 97 16.20 -1.37 24.22
N TRP B 98 15.70 -1.75 23.04
CA TRP B 98 14.30 -1.58 22.62
C TRP B 98 13.57 -2.89 22.83
N THR B 99 12.26 -2.87 23.01
CA THR B 99 11.60 -4.13 23.36
C THR B 99 11.41 -5.03 22.14
N ASP B 100 11.37 -4.42 20.95
CA ASP B 100 11.21 -5.16 19.71
C ASP B 100 12.53 -5.88 19.32
N GLY B 101 13.59 -5.56 20.06
CA GLY B 101 14.90 -6.12 19.80
C GLY B 101 15.69 -5.32 18.76
N SER B 102 15.11 -4.28 18.15
CA SER B 102 15.84 -3.44 17.18
C SER B 102 17.00 -2.71 17.86
N SER B 103 17.93 -2.12 17.11
CA SER B 103 19.05 -1.59 17.86
C SER B 103 19.04 -0.09 18.10
N VAL B 104 19.57 0.31 19.24
CA VAL B 104 19.51 1.69 19.66
C VAL B 104 20.47 2.49 18.80
N ASP B 105 20.08 2.81 17.57
CA ASP B 105 20.95 3.61 16.71
C ASP B 105 20.54 5.06 16.65
N TYR B 106 19.61 5.49 17.53
CA TYR B 106 19.09 6.87 17.54
C TYR B 106 19.00 7.27 18.99
N ASP B 107 19.56 8.44 19.30
CA ASP B 107 19.55 9.01 20.62
C ASP B 107 18.52 10.17 20.60
N GLY B 108 17.41 9.99 21.30
CA GLY B 108 16.40 11.05 21.37
C GLY B 108 16.11 11.56 22.75
N TRP B 109 17.04 11.32 23.69
CA TRP B 109 16.85 11.74 25.04
C TRP B 109 16.92 13.25 25.16
N VAL B 110 16.12 13.78 26.07
CA VAL B 110 16.30 15.15 26.57
C VAL B 110 17.64 15.26 27.28
N SER B 111 18.29 16.39 27.04
CA SER B 111 19.41 16.84 27.84
C SER B 111 19.28 16.45 29.32
N GLY B 112 20.18 15.60 29.81
CA GLY B 112 20.13 15.11 31.18
C GLY B 112 19.58 13.71 31.37
N GLU B 113 18.90 13.21 30.36
CA GLU B 113 18.23 11.90 30.46
C GLU B 113 19.02 10.80 29.72
N PRO B 114 18.96 9.54 30.21
CA PRO B 114 18.29 9.01 31.35
C PRO B 114 19.09 9.37 32.57
N ASN B 115 18.51 9.13 33.75
CA ASN B 115 19.01 9.55 35.07
C ASN B 115 18.28 8.89 36.23
N ASN B 116 17.32 8.02 35.97
CA ASN B 116 16.58 7.41 37.07
C ASN B 116 16.82 5.92 37.07
N GLY B 117 17.95 5.55 36.47
CA GLY B 117 18.38 4.14 36.37
C GLY B 117 18.83 3.61 37.73
N PRO B 118 19.08 2.29 37.83
CA PRO B 118 18.89 1.18 36.89
C PRO B 118 17.38 0.89 36.64
N ASN B 119 17.07 0.28 35.49
CA ASN B 119 15.69 -0.22 35.19
C ASN B 119 14.59 0.83 35.09
N SER B 120 14.92 2.00 34.57
CA SER B 120 13.92 2.97 34.17
C SER B 120 13.51 2.66 32.72
N ARG B 121 12.55 3.44 32.20
CA ARG B 121 11.99 3.20 30.86
C ARG B 121 11.73 4.55 30.20
N GLY B 122 11.79 4.63 28.87
CA GLY B 122 11.74 5.90 28.22
C GLY B 122 10.31 6.27 27.88
N ALA B 123 10.07 7.57 27.74
CA ALA B 123 8.78 8.02 27.30
C ALA B 123 8.95 9.29 26.51
N ILE B 124 8.22 9.45 25.43
CA ILE B 124 8.17 10.74 24.76
C ILE B 124 7.53 11.67 25.81
N ALA B 125 8.16 12.82 26.04
CA ALA B 125 7.64 13.84 26.95
C ALA B 125 7.31 15.05 26.09
N ALA B 126 6.00 15.12 25.77
CA ALA B 126 5.46 16.02 24.79
C ALA B 126 5.27 17.48 25.24
N GLY B 127 5.49 17.74 26.53
CA GLY B 127 5.43 19.09 27.10
C GLY B 127 6.33 20.08 26.34
N ASP B 128 6.02 21.37 26.36
CA ASP B 128 6.81 22.30 25.51
C ASP B 128 8.26 22.39 25.95
N TYR B 129 8.54 21.93 27.17
CA TYR B 129 9.89 22.06 27.65
C TYR B 129 10.76 21.00 27.02
N SER B 130 10.30 19.73 27.13
CA SER B 130 11.03 18.54 26.63
C SER B 130 10.81 18.35 25.15
N ARG B 131 9.83 19.07 24.62
CA ARG B 131 9.57 19.22 23.17
C ARG B 131 9.50 17.86 22.42
N GLY B 132 9.08 16.81 23.10
CA GLY B 132 8.96 15.51 22.45
C GLY B 132 9.99 14.46 22.84
N PHE B 133 11.18 14.94 23.13
CA PHE B 133 12.34 14.07 23.38
C PHE B 133 12.18 13.24 24.67
N TRP B 134 13.05 12.26 24.90
CA TRP B 134 12.67 11.23 25.84
C TRP B 134 13.07 11.57 27.24
N ALA B 135 12.35 10.98 28.15
CA ALA B 135 12.66 11.06 29.54
C ALA B 135 12.58 9.65 30.10
N ASP B 136 13.36 9.31 31.11
CA ASP B 136 13.26 7.99 31.65
C ASP B 136 12.53 8.13 32.93
N VAL B 137 11.65 7.19 33.20
CA VAL B 137 10.75 7.29 34.32
C VAL B 137 10.73 5.90 34.94
N TYR B 138 9.92 5.70 35.97
CA TYR B 138 10.00 4.44 36.70
C TYR B 138 9.02 3.48 36.15
N SER B 139 9.44 2.22 36.13
CA SER B 139 8.71 1.19 35.44
C SER B 139 7.23 1.08 35.90
N ASN B 140 6.93 1.38 37.14
CA ASN B 140 5.57 1.31 37.65
C ASN B 140 4.70 2.60 37.51
N ASN B 141 5.26 3.69 37.01
CA ASN B 141 4.46 4.84 36.53
C ASN B 141 3.48 4.33 35.50
N ASN B 142 2.30 4.93 35.48
CA ASN B 142 1.16 4.53 34.62
C ASN B 142 0.91 5.58 33.52
N PHE B 143 1.21 5.29 32.27
CA PHE B 143 1.03 6.30 31.22
C PHE B 143 0.36 5.79 29.99
N LYS B 144 -0.03 6.71 29.12
CA LYS B 144 -0.40 6.35 27.73
C LYS B 144 0.79 5.73 27.01
N TYR B 145 0.56 4.91 25.99
CA TYR B 145 1.67 4.27 25.27
C TYR B 145 1.46 4.29 23.80
N ILE B 146 2.53 4.06 23.03
CA ILE B 146 2.46 3.87 21.58
C ILE B 146 2.86 2.46 21.15
N CYS B 147 2.04 1.77 20.35
CA CYS B 147 2.47 0.48 19.83
C CYS B 147 2.88 0.60 18.41
N GLN B 148 3.72 -0.33 18.00
CA GLN B 148 3.99 -0.52 16.60
C GLN B 148 3.65 -1.97 16.26
N LEU B 149 3.05 -2.14 15.10
CA LEU B 149 2.76 -3.49 14.63
C LEU B 149 4.02 -4.14 14.17
N PRO B 150 4.07 -5.47 14.14
CA PRO B 150 5.34 -6.13 13.77
C PRO B 150 5.99 -5.53 12.51
N CYS B 151 7.28 -5.27 12.62
CA CYS B 151 8.04 -4.69 11.56
C CYS B 151 8.67 -5.79 10.65
N VAL B 152 8.36 -5.76 9.37
CA VAL B 152 8.77 -6.81 8.45
C VAL B 152 9.01 -6.25 7.05
N HIS B 153 9.93 -6.85 6.32
CA HIS B 153 10.16 -6.49 4.92
C HIS B 153 10.52 -7.76 4.14
N TYR B 154 10.25 -7.72 2.82
CA TYR B 154 10.58 -8.83 1.94
C TYR B 154 12.07 -8.86 1.75
N THR B 155 12.67 -10.05 1.72
CA THR B 155 14.09 -10.22 1.42
C THR B 155 14.20 -10.76 0.01
N LEU B 156 14.69 -9.99 -0.95
CA LEU B 156 14.70 -10.48 -2.36
C LEU B 156 16.08 -10.95 -2.86
N GLU B 157 16.89 -11.43 -1.90
CA GLU B 157 18.28 -10.88 -1.79
C GLU B 157 18.92 -10.23 -3.04
N LEU C 2 7.42 0.71 -0.40
CA LEU C 2 6.49 -0.28 -1.09
C LEU C 2 5.19 0.28 -1.72
N THR C 3 5.06 0.12 -3.04
CA THR C 3 4.03 0.78 -3.88
C THR C 3 2.84 -0.10 -4.11
N SER C 4 1.64 0.48 -4.20
CA SER C 4 0.41 -0.28 -4.36
C SER C 4 -0.04 -0.22 -5.80
N CYS C 5 -0.11 -1.35 -6.47
CA CYS C 5 -0.54 -1.34 -7.85
C CYS C 5 -1.64 -2.36 -8.15
N PRO C 6 -2.53 -2.07 -9.11
CA PRO C 6 -3.49 -3.08 -9.56
C PRO C 6 -2.85 -4.42 -9.98
N PRO C 7 -3.64 -5.51 -9.99
CA PRO C 7 -3.03 -6.78 -10.47
C PRO C 7 -2.59 -6.68 -11.91
N LEU C 8 -1.48 -7.38 -12.19
CA LEU C 8 -0.76 -7.40 -13.46
C LEU C 8 0.20 -6.22 -13.64
N TRP C 9 0.05 -5.17 -12.85
CA TRP C 9 0.99 -4.05 -12.89
C TRP C 9 2.04 -4.25 -11.82
N THR C 10 3.01 -3.36 -11.81
CA THR C 10 4.18 -3.53 -10.94
C THR C 10 4.68 -2.13 -10.64
N GLY C 11 5.20 -1.94 -9.45
CA GLY C 11 5.36 -0.61 -8.95
C GLY C 11 6.76 -0.31 -8.59
N PHE C 12 7.19 0.91 -8.91
CA PHE C 12 8.48 1.41 -8.46
C PHE C 12 8.28 2.86 -8.11
N ASN C 13 8.74 3.23 -6.89
CA ASN C 13 8.58 4.59 -6.31
C ASN C 13 7.26 5.26 -6.49
N GLY C 14 6.15 4.60 -6.22
CA GLY C 14 4.86 5.26 -6.28
C GLY C 14 4.18 5.39 -7.64
N LYS C 15 4.86 4.97 -8.70
CA LYS C 15 4.20 4.87 -10.00
C LYS C 15 4.09 3.41 -10.33
N CYS C 16 3.06 3.11 -11.13
CA CYS C 16 2.71 1.76 -11.56
C CYS C 16 2.87 1.53 -13.07
N PHE C 17 3.66 0.51 -13.39
CA PHE C 17 4.03 0.22 -14.78
C PHE C 17 3.51 -1.14 -15.29
N ARG C 18 3.15 -1.19 -16.56
CA ARG C 18 2.97 -2.47 -17.21
C ARG C 18 3.63 -2.51 -18.61
N LEU C 19 4.31 -3.61 -18.95
CA LEU C 19 4.90 -3.76 -20.30
C LEU C 19 3.90 -4.39 -21.27
N PHE C 20 3.55 -3.79 -22.39
CA PHE C 20 2.56 -4.46 -23.26
C PHE C 20 3.24 -5.13 -24.45
N HIS C 21 2.79 -6.34 -24.81
CA HIS C 21 3.52 -7.13 -25.75
C HIS C 21 3.11 -6.94 -27.16
N ASN C 22 1.99 -6.31 -27.42
CA ASN C 22 1.64 -6.21 -28.84
C ASN C 22 2.20 -4.96 -29.53
N HIS C 23 2.93 -5.10 -30.63
CA HIS C 23 3.58 -3.95 -31.29
C HIS C 23 2.61 -2.91 -31.82
N LEU C 24 2.77 -1.67 -31.36
CA LEU C 24 2.00 -0.57 -31.90
C LEU C 24 2.93 0.55 -32.26
N ASN C 25 2.47 1.43 -33.14
CA ASN C 25 3.26 2.62 -33.44
C ASN C 25 3.12 3.56 -32.28
N PHE C 26 3.96 4.61 -32.21
CA PHE C 26 4.02 5.52 -31.04
C PHE C 26 2.66 6.07 -30.74
N ASP C 27 2.03 6.74 -31.68
CA ASP C 27 0.70 7.23 -31.38
C ASP C 27 -0.29 6.31 -30.76
N ASN C 28 -0.62 5.22 -31.44
CA ASN C 28 -1.48 4.22 -30.86
C ASN C 28 -0.95 3.62 -29.57
N ALA C 29 0.36 3.62 -29.33
CA ALA C 29 0.89 3.12 -28.05
C ALA C 29 0.57 4.09 -26.92
N GLU C 30 0.67 5.39 -27.18
CA GLU C 30 0.26 6.39 -26.19
C GLU C 30 -1.23 6.23 -25.93
N ASN C 31 -1.99 6.17 -27.00
CA ASN C 31 -3.38 5.93 -26.89
C ASN C 31 -3.80 4.68 -26.10
N ALA C 32 -3.17 3.54 -26.37
CA ALA C 32 -3.47 2.32 -25.64
C ALA C 32 -3.33 2.60 -24.17
N CYS C 33 -2.29 3.34 -23.78
CA CYS C 33 -2.06 3.61 -22.40
C CYS C 33 -3.14 4.52 -21.83
N ARG C 34 -3.61 5.48 -22.62
CA ARG C 34 -4.71 6.36 -22.18
C ARG C 34 -6.05 5.66 -21.92
N GLN C 35 -6.15 4.35 -22.19
CA GLN C 35 -7.40 3.64 -21.92
C GLN C 35 -7.55 3.42 -20.42
N PHE C 36 -6.41 3.30 -19.72
CA PHE C 36 -6.33 3.28 -18.25
C PHE C 36 -6.48 4.69 -17.65
N GLY C 37 -7.14 4.78 -16.51
CA GLY C 37 -7.39 6.10 -15.94
C GLY C 37 -7.46 6.09 -14.43
N LEU C 38 -7.82 7.24 -13.87
CA LEU C 38 -8.00 7.35 -12.44
C LEU C 38 -9.25 8.18 -12.37
N ALA C 39 -10.27 7.69 -11.66
CA ALA C 39 -11.52 8.48 -11.47
C ALA C 39 -11.79 8.67 -10.01
N SER C 40 -12.62 9.68 -9.70
CA SER C 40 -13.11 9.80 -8.34
C SER C 40 -14.17 8.75 -8.07
N CYS C 41 -14.32 8.38 -6.80
CA CYS C 41 -15.40 7.44 -6.44
C CYS C 41 -16.78 7.95 -6.87
N SER C 42 -17.05 9.26 -6.70
CA SER C 42 -18.28 9.94 -7.26
C SER C 42 -18.57 9.56 -8.72
N GLY C 43 -17.52 9.29 -9.51
CA GLY C 43 -17.68 8.90 -10.91
C GLY C 43 -16.91 9.69 -11.96
N ASP C 44 -16.45 10.92 -11.67
CA ASP C 44 -15.69 11.76 -12.70
C ASP C 44 -14.27 11.29 -13.11
N GLU C 45 -13.98 11.22 -14.43
CA GLU C 45 -12.63 10.88 -14.93
C GLU C 45 -11.68 12.00 -14.46
N LEU C 46 -10.59 11.67 -13.80
CA LEU C 46 -9.68 12.74 -13.29
C LEU C 46 -8.38 12.87 -14.05
N ALA C 47 -7.92 11.74 -14.61
CA ALA C 47 -6.62 11.64 -15.28
C ALA C 47 -6.52 10.36 -16.07
N THR C 48 -5.47 10.29 -16.88
CA THR C 48 -5.25 9.26 -17.89
C THR C 48 -3.90 8.63 -17.69
N GLY C 49 -3.73 7.39 -18.10
CA GLY C 49 -2.38 6.75 -18.12
C GLY C 49 -1.61 7.26 -19.32
N HIS C 50 -0.32 6.97 -19.38
CA HIS C 50 0.48 7.43 -20.52
C HIS C 50 1.60 6.47 -20.72
N LEU C 51 2.31 6.60 -21.83
CA LEU C 51 3.58 5.94 -21.96
C LEU C 51 4.45 6.33 -20.76
N ALA C 52 5.21 5.41 -20.22
CA ALA C 52 6.02 5.71 -19.07
C ALA C 52 6.91 6.92 -19.30
N SER C 53 7.09 7.75 -18.27
CA SER C 53 8.14 8.82 -18.32
C SER C 53 9.18 8.44 -17.33
N ILE C 54 10.39 8.95 -17.44
CA ILE C 54 11.44 8.43 -16.59
C ILE C 54 12.16 9.60 -15.98
N HIS C 55 12.35 9.56 -14.66
CA HIS C 55 13.02 10.66 -14.01
C HIS C 55 14.22 10.42 -13.18
N SER C 56 14.94 9.32 -13.30
CA SER C 56 16.19 9.17 -12.55
C SER C 56 16.97 7.95 -12.96
N ALA C 57 18.25 7.89 -12.62
CA ALA C 57 19.06 6.70 -12.82
C ALA C 57 18.30 5.47 -12.30
N GLU C 58 17.72 5.56 -11.10
CA GLU C 58 17.02 4.45 -10.48
C GLU C 58 15.74 4.08 -11.26
N SER C 59 14.89 5.04 -11.62
CA SER C 59 13.75 4.69 -12.44
C SER C 59 14.26 3.91 -13.68
N GLN C 60 15.05 4.57 -14.52
CA GLN C 60 15.66 3.97 -15.68
C GLN C 60 16.28 2.57 -15.38
N ALA C 61 16.86 2.34 -14.22
CA ALA C 61 17.53 1.03 -14.03
C ALA C 61 16.43 -0.03 -13.95
N PHE C 62 15.33 0.39 -13.32
CA PHE C 62 14.24 -0.47 -12.99
C PHE C 62 13.58 -0.85 -14.31
N LEU C 63 13.14 0.14 -15.07
CA LEU C 63 12.47 -0.15 -16.33
C LEU C 63 13.39 -1.00 -17.22
N THR C 64 14.70 -0.77 -17.16
CA THR C 64 15.58 -1.62 -17.93
C THR C 64 15.39 -3.06 -17.45
N GLU C 65 15.44 -3.31 -16.13
CA GLU C 65 15.23 -4.68 -15.64
C GLU C 65 13.82 -5.26 -15.99
N LEU C 66 12.78 -4.41 -15.93
CA LEU C 66 11.46 -4.84 -16.36
C LEU C 66 11.54 -5.47 -17.75
N VAL C 67 12.21 -4.79 -18.67
CA VAL C 67 12.24 -5.21 -20.05
C VAL C 67 13.15 -6.39 -20.19
N LYS C 68 14.38 -6.25 -19.73
CA LYS C 68 15.32 -7.39 -19.76
C LYS C 68 14.74 -8.71 -19.14
N THR C 69 14.04 -8.64 -17.99
CA THR C 69 13.54 -9.89 -17.39
C THR C 69 12.21 -10.36 -18.05
N SER C 70 11.35 -9.42 -18.43
CA SER C 70 10.16 -9.74 -19.19
C SER C 70 10.39 -10.41 -20.55
N LEU C 71 11.52 -10.14 -21.21
CA LEU C 71 11.75 -10.53 -22.63
C LEU C 71 13.14 -11.15 -22.85
N PRO C 72 13.52 -12.11 -21.99
CA PRO C 72 14.96 -12.42 -22.02
C PRO C 72 15.32 -13.05 -23.35
N ASP C 73 14.34 -13.61 -24.05
CA ASP C 73 14.65 -14.22 -25.33
C ASP C 73 14.85 -13.26 -26.51
N LEU C 74 14.53 -12.00 -26.34
CA LEU C 74 14.56 -11.05 -27.43
C LEU C 74 15.82 -10.17 -27.35
N ILE C 75 16.55 -10.31 -26.25
CA ILE C 75 17.70 -9.51 -25.91
C ILE C 75 18.76 -9.96 -26.87
N THR C 76 19.08 -9.09 -27.83
CA THR C 76 20.17 -9.25 -28.78
C THR C 76 21.46 -8.61 -28.26
N GLY C 77 22.59 -8.89 -28.90
CA GLY C 77 23.87 -8.19 -28.61
C GLY C 77 23.92 -6.75 -29.16
N GLY C 78 22.88 -6.32 -29.91
CA GLY C 78 22.76 -4.95 -30.43
C GLY C 78 21.93 -3.94 -29.61
N TRP C 79 20.91 -3.40 -30.25
CA TRP C 79 20.01 -2.49 -29.61
C TRP C 79 18.73 -3.19 -29.20
N ALA C 80 18.22 -4.06 -30.10
CA ALA C 80 16.95 -4.75 -29.95
C ALA C 80 16.96 -5.55 -28.65
N PRO C 81 15.84 -5.61 -27.92
CA PRO C 81 14.54 -5.10 -28.30
C PRO C 81 14.37 -3.64 -27.91
N GLN C 82 13.68 -2.89 -28.77
CA GLN C 82 13.29 -1.55 -28.43
C GLN C 82 11.85 -1.46 -27.97
N VAL C 83 11.68 -0.92 -26.77
CA VAL C 83 10.36 -0.73 -26.20
C VAL C 83 10.04 0.76 -26.08
N TYR C 84 8.90 1.21 -26.57
CA TYR C 84 8.58 2.64 -26.50
C TYR C 84 8.44 3.17 -25.08
N ILE C 85 8.90 4.39 -24.82
CA ILE C 85 8.53 5.13 -23.61
C ILE C 85 7.94 6.40 -24.10
N GLY C 86 7.52 7.30 -23.22
CA GLY C 86 6.70 8.42 -23.69
C GLY C 86 7.44 9.63 -24.17
N MET C 87 8.69 9.45 -24.61
CA MET C 87 9.59 10.53 -25.00
C MET C 87 9.28 11.04 -26.38
N LYS C 88 9.08 12.35 -26.55
CA LYS C 88 8.93 12.97 -27.95
C LYS C 88 10.02 14.00 -28.23
N VAL C 89 10.54 14.00 -29.45
CA VAL C 89 11.65 14.86 -29.83
C VAL C 89 11.13 15.69 -30.98
N GLY C 90 10.97 17.00 -30.77
CA GLY C 90 10.42 17.96 -31.78
C GLY C 90 11.43 18.48 -32.80
N SER C 91 11.41 19.78 -33.13
CA SER C 91 12.28 20.36 -34.20
C SER C 91 13.83 20.46 -33.93
N THR C 92 14.28 21.31 -33.00
CA THR C 92 15.62 21.16 -32.43
C THR C 92 15.58 19.77 -31.68
N ASN C 93 16.72 19.11 -31.53
CA ASN C 93 16.86 17.95 -30.66
C ASN C 93 16.70 18.28 -29.19
N SER C 94 16.63 19.55 -28.84
CA SER C 94 16.53 19.90 -27.42
C SER C 94 15.05 20.14 -27.02
N ASP C 95 14.13 19.95 -27.98
CA ASP C 95 12.70 19.99 -27.69
C ASP C 95 12.19 18.60 -27.30
N GLN C 96 12.54 18.18 -26.09
CA GLN C 96 12.13 16.90 -25.57
C GLN C 96 10.98 17.14 -24.61
N THR C 97 9.86 16.47 -24.84
CA THR C 97 8.79 16.48 -23.84
C THR C 97 8.41 15.03 -23.57
N TRP C 98 7.77 14.79 -22.41
CA TRP C 98 7.14 13.49 -22.03
C TRP C 98 5.65 13.56 -22.32
N THR C 99 4.98 12.44 -22.52
CA THR C 99 3.57 12.52 -22.92
C THR C 99 2.67 12.81 -21.74
N ASP C 100 3.13 12.45 -20.54
CA ASP C 100 2.34 12.69 -19.35
C ASP C 100 2.41 14.18 -18.92
N GLY C 101 3.27 14.94 -19.61
CA GLY C 101 3.50 16.33 -19.28
C GLY C 101 4.58 16.56 -18.22
N SER C 102 5.12 15.50 -17.61
CA SER C 102 6.16 15.66 -16.59
C SER C 102 7.41 16.29 -17.22
N SER C 103 8.38 16.72 -16.43
CA SER C 103 9.46 17.44 -17.10
C SER C 103 10.72 16.62 -17.32
N VAL C 104 11.39 16.88 -18.44
CA VAL C 104 12.55 16.11 -18.80
C VAL C 104 13.69 16.47 -17.87
N ASP C 105 13.71 15.93 -16.66
CA ASP C 105 14.81 16.23 -15.75
C ASP C 105 15.85 15.11 -15.66
N TYR C 106 15.77 14.13 -16.56
CA TYR C 106 16.66 12.95 -16.57
C TYR C 106 16.98 12.69 -18.01
N ASP C 107 18.28 12.58 -18.29
CA ASP C 107 18.81 12.28 -19.59
C ASP C 107 19.27 10.81 -19.57
N GLY C 108 18.57 9.95 -20.32
CA GLY C 108 18.97 8.55 -20.42
C GLY C 108 19.26 8.06 -21.83
N TRP C 109 19.59 9.00 -22.73
CA TRP C 109 19.90 8.65 -24.07
C TRP C 109 21.21 7.92 -24.15
N VAL C 110 21.28 6.97 -25.08
CA VAL C 110 22.55 6.40 -25.52
C VAL C 110 23.40 7.49 -26.16
N SER C 111 24.68 7.43 -25.89
CA SER C 111 25.66 8.18 -26.64
C SER C 111 25.31 8.33 -28.13
N GLY C 112 25.06 9.56 -28.58
CA GLY C 112 24.71 9.81 -29.97
C GLY C 112 23.26 10.08 -30.23
N GLU C 113 22.42 9.76 -29.26
CA GLU C 113 20.96 9.86 -29.43
C GLU C 113 20.40 11.10 -28.67
N PRO C 114 19.34 11.72 -29.18
CA PRO C 114 18.57 11.48 -30.39
C PRO C 114 19.36 11.99 -31.56
N ASN C 115 18.89 11.61 -32.76
CA ASN C 115 19.57 11.84 -34.03
C ASN C 115 18.67 11.60 -35.24
N ASN C 116 17.41 11.25 -35.02
CA ASN C 116 16.55 10.97 -36.16
C ASN C 116 15.42 11.95 -36.19
N GLY C 117 15.67 13.11 -35.56
CA GLY C 117 14.68 14.20 -35.46
C GLY C 117 14.54 14.90 -36.80
N PRO C 118 13.57 15.83 -36.94
CA PRO C 118 12.49 16.23 -36.04
C PRO C 118 11.44 15.10 -35.86
N ASN C 119 10.69 15.14 -34.76
CA ASN C 119 9.55 14.24 -34.50
C ASN C 119 9.86 12.75 -34.42
N SER C 120 11.01 12.41 -33.87
CA SER C 120 11.28 11.04 -33.47
C SER C 120 10.73 10.81 -32.05
N ARG C 121 10.91 9.58 -31.54
CA ARG C 121 10.34 9.14 -30.27
C ARG C 121 11.31 8.21 -29.58
N GLY C 122 11.31 8.18 -28.25
CA GLY C 122 12.34 7.47 -27.57
C GLY C 122 11.89 6.06 -27.28
N ALA C 123 12.85 5.15 -27.15
CA ALA C 123 12.56 3.81 -26.74
C ALA C 123 13.70 3.29 -25.92
N ILE C 124 13.40 2.54 -24.87
CA ILE C 124 14.43 1.80 -24.16
C ILE C 124 14.95 0.80 -25.19
N ALA C 125 16.26 0.75 -25.36
CA ALA C 125 16.89 -0.22 -26.27
C ALA C 125 17.68 -1.19 -25.39
N ALA C 126 17.04 -2.34 -25.14
CA ALA C 126 17.49 -3.29 -24.17
C ALA C 126 18.64 -4.21 -24.61
N GLY C 127 19.02 -4.14 -25.89
CA GLY C 127 20.16 -4.88 -26.43
C GLY C 127 21.44 -4.68 -25.62
N ASP C 128 22.39 -5.60 -25.66
CA ASP C 128 23.55 -5.46 -24.74
C ASP C 128 24.39 -4.25 -25.11
N TYR C 129 24.18 -3.71 -26.30
CA TYR C 129 25.05 -2.67 -26.73
C TYR C 129 24.60 -1.37 -26.08
N SER C 130 23.29 -1.09 -26.22
CA SER C 130 22.65 0.14 -25.73
C SER C 130 22.30 0.04 -24.26
N ARG C 131 22.35 -1.21 -23.77
CA ARG C 131 22.30 -1.55 -22.33
C ARG C 131 21.10 -0.89 -21.59
N GLY C 132 19.99 -0.69 -22.31
CA GLY C 132 18.79 -0.09 -21.71
C GLY C 132 18.49 1.34 -22.09
N PHE C 133 19.54 2.11 -22.30
CA PHE C 133 19.42 3.55 -22.53
C PHE C 133 18.68 3.87 -23.83
N TRP C 134 18.32 5.13 -24.05
CA TRP C 134 17.28 5.36 -25.04
C TRP C 134 17.84 5.56 -26.42
N ALA C 135 16.98 5.29 -27.38
CA ALA C 135 17.25 5.55 -28.75
C ALA C 135 16.04 6.25 -29.34
N ASP C 136 16.22 7.11 -30.32
CA ASP C 136 15.06 7.73 -30.90
C ASP C 136 14.87 7.08 -32.21
N VAL C 137 13.62 6.79 -32.53
CA VAL C 137 13.28 6.00 -33.68
C VAL C 137 12.11 6.74 -34.32
N TYR C 138 11.55 6.22 -35.41
CA TYR C 138 10.56 6.98 -36.15
C TYR C 138 9.21 6.64 -35.66
N SER C 139 8.35 7.66 -35.66
CA SER C 139 7.06 7.57 -35.03
C SER C 139 6.18 6.40 -35.55
N ASN C 140 6.34 6.01 -36.80
CA ASN C 140 5.56 4.88 -37.36
C ASN C 140 6.18 3.46 -37.21
N ASN C 141 7.40 3.35 -36.69
CA ASN C 141 7.95 2.07 -36.21
C ASN C 141 6.96 1.47 -35.23
N ASN C 142 6.88 0.14 -35.21
CA ASN C 142 5.88 -0.63 -34.43
C ASN C 142 6.59 -1.41 -33.32
N PHE C 143 6.42 -1.04 -32.06
CA PHE C 143 7.15 -1.73 -30.98
C PHE C 143 6.31 -2.07 -29.80
N LYS C 144 6.86 -2.90 -28.91
CA LYS C 144 6.31 -3.06 -27.55
C LYS C 144 6.40 -1.75 -26.79
N TYR C 145 5.55 -1.54 -25.79
CA TYR C 145 5.56 -0.26 -25.05
C TYR C 145 5.38 -0.48 -23.59
N ILE C 146 5.72 0.54 -22.80
CA ILE C 146 5.46 0.54 -21.35
C ILE C 146 4.45 1.62 -20.93
N CYS C 147 3.39 1.26 -20.20
CA CYS C 147 2.50 2.31 -19.71
C CYS C 147 2.76 2.55 -18.29
N GLN C 148 2.41 3.75 -17.87
CA GLN C 148 2.34 4.04 -16.45
C GLN C 148 0.92 4.47 -16.15
N LEU C 149 0.42 4.04 -15.01
CA LEU C 149 -0.88 4.51 -14.57
C LEU C 149 -0.79 5.93 -14.08
N PRO C 150 -1.90 6.67 -14.08
CA PRO C 150 -1.82 8.09 -13.67
C PRO C 150 -1.04 8.31 -12.37
N CYS C 151 -0.11 9.26 -12.41
CA CYS C 151 0.75 9.54 -11.32
C CYS C 151 0.12 10.65 -10.43
N VAL C 152 -0.09 10.33 -9.15
CA VAL C 152 -0.80 11.23 -8.23
C VAL C 152 -0.25 11.11 -6.81
N HIS C 153 -0.33 12.19 -6.07
CA HIS C 153 0.05 12.17 -4.66
C HIS C 153 -0.87 13.13 -3.88
N TYR C 154 -1.00 12.88 -2.58
CA TYR C 154 -1.83 13.71 -1.71
C TYR C 154 -1.06 14.97 -1.46
N THR C 155 -1.73 16.12 -1.45
CA THR C 155 -1.16 17.40 -1.08
C THR C 155 -1.63 17.74 0.33
N LEU C 156 -0.76 17.75 1.34
CA LEU C 156 -1.24 17.98 2.73
C LEU C 156 -0.92 19.37 3.27
N GLU C 157 -0.84 20.33 2.35
CA GLU C 157 0.38 21.20 2.30
C GLU C 157 1.22 21.35 3.61
N LEU D 2 -6.58 -3.22 -3.19
CA LEU D 2 -5.26 -3.00 -3.90
C LEU D 2 -4.03 -3.45 -3.08
N THR D 3 -3.20 -4.30 -3.68
CA THR D 3 -2.15 -5.04 -2.96
C THR D 3 -0.78 -4.38 -3.14
N SER D 4 0.05 -4.45 -2.10
CA SER D 4 1.36 -3.81 -2.15
C SER D 4 2.45 -4.84 -2.41
N CYS D 5 3.17 -4.69 -3.53
CA CYS D 5 4.23 -5.67 -3.84
C CYS D 5 5.53 -5.00 -4.22
N PRO D 6 6.68 -5.62 -3.88
CA PRO D 6 7.98 -5.14 -4.34
C PRO D 6 8.01 -4.87 -5.83
N PRO D 7 8.98 -4.05 -6.30
CA PRO D 7 9.10 -3.88 -7.75
C PRO D 7 9.41 -5.20 -8.46
N LEU D 8 8.86 -5.32 -9.67
CA LEU D 8 8.95 -6.49 -10.53
C LEU D 8 7.94 -7.58 -10.20
N TRP D 9 7.31 -7.50 -9.01
CA TRP D 9 6.26 -8.43 -8.63
C TRP D 9 4.91 -7.83 -8.88
N THR D 10 3.85 -8.59 -8.74
CA THR D 10 2.55 -8.08 -9.08
C THR D 10 1.58 -8.77 -8.18
N GLY D 11 0.51 -8.09 -7.79
CA GLY D 11 -0.27 -8.58 -6.66
C GLY D 11 -1.73 -8.84 -6.95
N PHE D 12 -2.24 -9.92 -6.38
CA PHE D 12 -3.65 -10.22 -6.45
C PHE D 12 -4.05 -10.73 -5.09
N ASN D 13 -5.13 -10.13 -4.56
CA ASN D 13 -5.66 -10.46 -3.20
C ASN D 13 -4.68 -10.65 -2.09
N GLY D 14 -3.70 -9.80 -1.94
CA GLY D 14 -2.92 -9.86 -0.74
C GLY D 14 -1.70 -10.70 -0.88
N LYS D 15 -1.62 -11.46 -1.98
CA LYS D 15 -0.37 -12.17 -2.23
C LYS D 15 0.32 -11.56 -3.45
N CYS D 16 1.64 -11.72 -3.44
CA CYS D 16 2.54 -11.18 -4.46
C CYS D 16 3.22 -12.25 -5.30
N PHE D 17 3.06 -12.12 -6.61
CA PHE D 17 3.56 -13.09 -7.59
C PHE D 17 4.62 -12.57 -8.55
N ARG D 18 5.57 -13.43 -8.88
CA ARG D 18 6.38 -13.20 -10.07
C ARG D 18 6.54 -14.47 -10.93
N LEU D 19 6.43 -14.32 -12.26
CA LEU D 19 6.70 -15.43 -13.21
C LEU D 19 8.19 -15.52 -13.56
N PHE D 20 8.87 -16.62 -13.30
CA PHE D 20 10.31 -16.67 -13.66
C PHE D 20 10.55 -17.40 -14.98
N HIS D 21 11.43 -16.84 -15.83
CA HIS D 21 11.55 -17.30 -17.19
C HIS D 21 12.58 -18.39 -17.41
N ASN D 22 13.43 -18.70 -16.44
CA ASN D 22 14.41 -19.71 -16.78
C ASN D 22 13.98 -21.10 -16.30
N HIS D 23 13.82 -22.06 -17.20
CA HIS D 23 13.34 -23.42 -16.87
C HIS D 23 14.14 -24.18 -15.81
N LEU D 24 13.47 -24.61 -14.75
CA LEU D 24 14.08 -25.43 -13.72
C LEU D 24 13.16 -26.59 -13.47
N ASN D 25 13.70 -27.65 -12.90
CA ASN D 25 12.84 -28.75 -12.51
C ASN D 25 12.07 -28.36 -11.26
N PHE D 26 11.14 -29.20 -10.82
CA PHE D 26 10.26 -28.81 -9.73
C PHE D 26 11.04 -28.45 -8.50
N ASP D 27 11.90 -29.35 -8.05
CA ASP D 27 12.64 -29.04 -6.84
C ASP D 27 13.40 -27.70 -6.83
N ASN D 28 14.23 -27.49 -7.85
CA ASN D 28 14.97 -26.28 -7.92
C ASN D 28 14.08 -25.10 -8.17
N ALA D 29 12.93 -25.29 -8.81
CA ALA D 29 11.95 -24.20 -8.90
C ALA D 29 11.39 -23.74 -7.52
N GLU D 30 11.02 -24.69 -6.65
CA GLU D 30 10.62 -24.40 -5.29
C GLU D 30 11.79 -23.76 -4.57
N ASN D 31 12.96 -24.32 -4.74
CA ASN D 31 14.10 -23.70 -4.15
C ASN D 31 14.36 -22.26 -4.59
N ALA D 32 14.28 -21.99 -5.87
CA ALA D 32 14.52 -20.63 -6.34
C ALA D 32 13.63 -19.67 -5.58
N CYS D 33 12.37 -20.08 -5.37
CA CYS D 33 11.39 -19.28 -4.71
C CYS D 33 11.75 -19.06 -3.25
N ARG D 34 12.32 -20.06 -2.61
CA ARG D 34 12.71 -19.90 -1.24
C ARG D 34 13.88 -18.95 -0.99
N GLN D 35 14.43 -18.37 -2.06
CA GLN D 35 15.52 -17.44 -1.89
C GLN D 35 14.91 -16.10 -1.47
N PHE D 36 13.64 -15.88 -1.84
CA PHE D 36 12.87 -14.75 -1.33
C PHE D 36 12.27 -15.04 0.04
N GLY D 37 12.19 -14.03 0.91
CA GLY D 37 11.72 -14.25 2.29
C GLY D 37 11.02 -13.04 2.89
N LEU D 38 10.71 -13.14 4.17
CA LEU D 38 10.15 -12.03 4.92
C LEU D 38 10.98 -12.06 6.17
N ALA D 39 11.62 -10.93 6.53
CA ALA D 39 12.30 -10.87 7.81
C ALA D 39 11.74 -9.75 8.70
N SER D 40 11.92 -9.89 10.02
CA SER D 40 11.62 -8.74 10.89
C SER D 40 12.68 -7.66 10.66
N CYS D 41 12.28 -6.41 10.79
CA CYS D 41 13.26 -5.32 10.83
C CYS D 41 14.41 -5.55 11.83
N SER D 42 14.15 -6.07 13.06
CA SER D 42 15.21 -6.55 13.99
C SER D 42 16.30 -7.39 13.26
N GLY D 43 15.94 -8.08 12.17
CA GLY D 43 16.88 -8.92 11.47
C GLY D 43 16.53 -10.41 11.29
N ASP D 44 15.65 -11.01 12.11
CA ASP D 44 15.38 -12.49 12.06
C ASP D 44 14.57 -12.91 10.83
N GLU D 45 15.01 -13.98 10.14
CA GLU D 45 14.23 -14.57 9.04
C GLU D 45 12.92 -15.14 9.60
N LEU D 46 11.78 -14.77 9.02
CA LEU D 46 10.48 -15.19 9.55
C LEU D 46 9.78 -16.24 8.72
N ALA D 47 10.01 -16.19 7.41
CA ALA D 47 9.32 -17.05 6.47
C ALA D 47 9.94 -16.96 5.09
N THR D 48 9.48 -17.83 4.20
CA THR D 48 10.13 -18.07 2.91
C THR D 48 9.10 -17.97 1.84
N GLY D 49 9.51 -17.58 0.63
CA GLY D 49 8.64 -17.66 -0.59
C GLY D 49 8.43 -19.11 -1.02
N HIS D 50 7.50 -19.34 -1.91
CA HIS D 50 7.29 -20.69 -2.40
C HIS D 50 6.71 -20.59 -3.78
N LEU D 51 6.66 -21.73 -4.48
CA LEU D 51 5.90 -21.81 -5.71
C LEU D 51 4.46 -21.38 -5.39
N ALA D 52 3.84 -20.68 -6.31
CA ALA D 52 2.51 -20.14 -6.04
C ALA D 52 1.56 -21.24 -5.59
N SER D 53 0.67 -20.98 -4.63
CA SER D 53 -0.46 -21.92 -4.37
C SER D 53 -1.72 -21.20 -4.81
N ILE D 54 -2.76 -21.94 -5.14
CA ILE D 54 -3.94 -21.34 -5.72
C ILE D 54 -5.19 -21.77 -4.96
N HIS D 55 -6.04 -20.77 -4.65
CA HIS D 55 -7.18 -21.08 -3.81
C HIS D 55 -8.52 -20.61 -4.31
N SER D 56 -8.68 -20.33 -5.58
CA SER D 56 -10.04 -20.04 -6.00
C SER D 56 -10.16 -19.84 -7.48
N ALA D 57 -11.35 -19.85 -8.04
CA ALA D 57 -11.51 -19.60 -9.45
C ALA D 57 -10.80 -18.31 -9.83
N GLU D 58 -10.92 -17.30 -8.97
CA GLU D 58 -10.39 -15.98 -9.25
C GLU D 58 -8.84 -15.98 -9.24
N SER D 59 -8.22 -16.49 -8.17
CA SER D 59 -6.75 -16.60 -8.09
C SER D 59 -6.32 -17.28 -9.43
N GLN D 60 -6.84 -18.48 -9.68
CA GLN D 60 -6.57 -19.26 -10.89
C GLN D 60 -6.77 -18.48 -12.19
N ALA D 61 -7.79 -17.63 -12.29
CA ALA D 61 -8.02 -16.91 -13.54
C ALA D 61 -6.91 -15.86 -13.76
N PHE D 62 -6.45 -15.32 -12.62
CA PHE D 62 -5.46 -14.27 -12.59
C PHE D 62 -4.16 -14.92 -13.02
N LEU D 63 -3.65 -15.89 -12.26
CA LEU D 63 -2.43 -16.55 -12.68
C LEU D 63 -2.47 -17.01 -14.15
N THR D 64 -3.62 -17.48 -14.62
CA THR D 64 -3.73 -17.81 -16.03
C THR D 64 -3.40 -16.56 -16.83
N GLU D 65 -4.03 -15.43 -16.52
CA GLU D 65 -3.73 -14.19 -17.27
C GLU D 65 -2.27 -13.70 -17.13
N LEU D 66 -1.71 -13.85 -15.93
CA LEU D 66 -0.33 -13.58 -15.78
C LEU D 66 0.47 -14.29 -16.86
N VAL D 67 0.26 -15.61 -16.99
CA VAL D 67 1.01 -16.46 -17.90
C VAL D 67 0.68 -16.10 -19.32
N LYS D 68 -0.59 -16.15 -19.68
CA LYS D 68 -0.99 -15.87 -21.05
C LYS D 68 -0.47 -14.48 -21.52
N THR D 69 -0.48 -13.46 -20.66
CA THR D 69 -0.04 -12.13 -21.17
C THR D 69 1.44 -11.90 -21.07
N SER D 70 2.09 -12.57 -20.14
CA SER D 70 3.53 -12.55 -20.07
C SER D 70 4.24 -13.24 -21.22
N LEU D 71 3.57 -14.16 -21.92
CA LEU D 71 4.21 -15.20 -22.75
C LEU D 71 3.37 -15.37 -24.01
N PRO D 72 2.86 -14.30 -24.58
CA PRO D 72 1.82 -14.59 -25.61
C PRO D 72 2.36 -15.34 -26.81
N ASP D 73 3.67 -15.34 -26.99
CA ASP D 73 4.19 -16.04 -28.12
C ASP D 73 4.38 -17.53 -27.92
N LEU D 74 4.14 -17.99 -26.71
CA LEU D 74 4.46 -19.34 -26.30
C LEU D 74 3.18 -20.16 -26.17
N ILE D 75 2.06 -19.47 -26.39
CA ILE D 75 0.73 -20.02 -26.26
C ILE D 75 0.51 -20.85 -27.51
N THR D 76 0.39 -22.18 -27.37
CA THR D 76 0.18 -23.12 -28.50
C THR D 76 -1.28 -23.50 -28.46
N GLY D 77 -1.71 -24.20 -29.49
CA GLY D 77 -3.06 -24.84 -29.48
C GLY D 77 -3.16 -26.07 -28.55
N GLY D 78 -2.04 -26.58 -28.01
CA GLY D 78 -2.08 -27.68 -27.12
C GLY D 78 -2.09 -27.36 -25.63
N TRP D 79 -1.17 -27.99 -24.90
CA TRP D 79 -0.98 -27.79 -23.46
C TRP D 79 -0.04 -26.64 -23.17
N ALA D 80 1.03 -26.58 -23.95
CA ALA D 80 2.10 -25.60 -23.81
C ALA D 80 1.63 -24.14 -23.94
N PRO D 81 2.17 -23.25 -23.08
CA PRO D 81 3.31 -23.47 -22.18
C PRO D 81 2.91 -23.98 -20.83
N GLN D 82 3.71 -24.85 -20.26
CA GLN D 82 3.43 -25.24 -18.92
C GLN D 82 4.30 -24.48 -17.93
N VAL D 83 3.66 -23.91 -16.91
CA VAL D 83 4.37 -23.20 -15.87
C VAL D 83 4.14 -23.84 -14.50
N TYR D 84 5.21 -24.16 -13.78
CA TYR D 84 5.06 -24.83 -12.48
C TYR D 84 4.30 -24.01 -11.47
N ILE D 85 3.38 -24.64 -10.72
CA ILE D 85 2.85 -24.09 -9.44
C ILE D 85 3.24 -25.03 -8.33
N GLY D 86 2.88 -24.74 -7.08
CA GLY D 86 3.49 -25.46 -5.98
C GLY D 86 2.82 -26.78 -5.56
N MET D 87 2.03 -27.35 -6.47
CA MET D 87 1.21 -28.54 -6.27
C MET D 87 2.04 -29.83 -6.26
N LYS D 88 1.89 -30.64 -5.22
CA LYS D 88 2.56 -31.96 -5.19
C LYS D 88 1.47 -33.00 -5.13
N VAL D 89 1.66 -34.11 -5.86
CA VAL D 89 0.72 -35.25 -5.88
C VAL D 89 1.50 -36.45 -5.40
N GLY D 90 1.14 -37.01 -4.22
CA GLY D 90 1.85 -38.21 -3.65
C GLY D 90 1.35 -39.59 -4.16
N SER D 91 1.25 -40.57 -3.25
CA SER D 91 0.90 -41.96 -3.61
C SER D 91 -0.51 -42.15 -4.23
N THR D 92 -1.58 -42.01 -3.44
CA THR D 92 -2.93 -41.94 -4.00
C THR D 92 -2.94 -40.55 -4.72
N ASN D 93 -3.76 -40.44 -5.77
CA ASN D 93 -4.01 -39.16 -6.44
C ASN D 93 -4.71 -38.12 -5.60
N SER D 94 -5.15 -38.52 -4.42
CA SER D 94 -5.88 -37.62 -3.52
C SER D 94 -4.92 -37.06 -2.42
N ASP D 95 -3.61 -37.40 -2.50
CA ASP D 95 -2.58 -36.78 -1.60
C ASP D 95 -1.97 -35.54 -2.27
N GLN D 96 -2.82 -34.52 -2.40
CA GLN D 96 -2.39 -33.25 -2.92
C GLN D 96 -2.00 -32.33 -1.76
N THR D 97 -0.77 -31.82 -1.78
CA THR D 97 -0.35 -30.75 -0.87
C THR D 97 0.22 -29.58 -1.70
N TRP D 98 0.29 -28.39 -1.09
CA TRP D 98 0.93 -27.20 -1.67
C TRP D 98 2.25 -27.00 -0.96
N THR D 99 3.24 -26.40 -1.58
CA THR D 99 4.56 -26.36 -0.90
C THR D 99 4.61 -25.36 0.28
N ASP D 100 3.77 -24.33 0.17
CA ASP D 100 3.73 -23.31 1.18
C ASP D 100 3.01 -23.84 2.48
N GLY D 101 2.41 -25.03 2.36
CA GLY D 101 1.68 -25.70 3.46
C GLY D 101 0.22 -25.24 3.52
N SER D 102 -0.21 -24.36 2.60
CA SER D 102 -1.62 -23.95 2.57
C SER D 102 -2.49 -25.16 2.25
N SER D 103 -3.79 -25.04 2.33
CA SER D 103 -4.53 -26.27 2.11
C SER D 103 -5.25 -26.33 0.76
N VAL D 104 -5.27 -27.55 0.19
CA VAL D 104 -5.86 -27.74 -1.13
C VAL D 104 -7.37 -27.55 -1.09
N ASP D 105 -7.84 -26.31 -1.10
CA ASP D 105 -9.28 -26.05 -1.04
C ASP D 105 -9.78 -25.63 -2.40
N TYR D 106 -8.92 -25.70 -3.43
CA TYR D 106 -9.37 -25.37 -4.80
C TYR D 106 -8.89 -26.42 -5.77
N ASP D 107 -9.78 -26.86 -6.66
CA ASP D 107 -9.50 -27.89 -7.63
C ASP D 107 -9.48 -27.26 -9.01
N GLY D 108 -8.28 -27.13 -9.57
CA GLY D 108 -8.12 -26.55 -10.90
C GLY D 108 -7.50 -27.44 -11.94
N TRP D 109 -7.43 -28.75 -11.65
CA TRP D 109 -7.03 -29.73 -12.66
C TRP D 109 -7.91 -29.70 -13.88
N VAL D 110 -7.26 -29.85 -15.05
CA VAL D 110 -7.94 -30.18 -16.30
C VAL D 110 -8.51 -31.56 -16.10
N SER D 111 -9.72 -31.72 -16.61
CA SER D 111 -10.36 -33.02 -16.81
C SER D 111 -9.37 -34.17 -17.14
N GLY D 112 -9.28 -35.19 -16.29
CA GLY D 112 -8.35 -36.31 -16.46
C GLY D 112 -7.09 -36.19 -15.58
N GLU D 113 -6.86 -35.00 -15.00
CA GLU D 113 -5.59 -34.80 -14.31
C GLU D 113 -5.91 -34.80 -12.82
N PRO D 114 -4.96 -35.22 -11.94
CA PRO D 114 -3.64 -35.79 -12.21
C PRO D 114 -3.82 -37.18 -12.77
N ASN D 115 -2.70 -37.79 -13.15
CA ASN D 115 -2.67 -39.06 -13.86
C ASN D 115 -1.23 -39.52 -14.22
N ASN D 116 -0.22 -38.89 -13.65
CA ASN D 116 1.14 -39.40 -13.81
C ASN D 116 1.76 -39.62 -12.43
N GLY D 117 0.90 -39.88 -11.43
CA GLY D 117 1.35 -40.17 -10.06
C GLY D 117 2.01 -41.52 -10.02
N PRO D 118 2.64 -41.92 -8.89
CA PRO D 118 2.93 -41.14 -7.65
C PRO D 118 3.93 -40.00 -7.88
N ASN D 119 3.98 -39.02 -6.99
CA ASN D 119 5.01 -37.94 -7.03
C ASN D 119 5.16 -37.11 -8.31
N SER D 120 4.02 -36.80 -8.93
CA SER D 120 3.94 -35.80 -10.00
C SER D 120 3.75 -34.42 -9.38
N ARG D 121 3.77 -33.37 -10.24
CA ARG D 121 3.71 -31.99 -9.77
C ARG D 121 2.84 -31.23 -10.73
N GLY D 122 2.24 -30.15 -10.26
CA GLY D 122 1.20 -29.50 -11.06
C GLY D 122 1.74 -28.32 -11.82
N ALA D 123 1.14 -27.98 -12.95
CA ALA D 123 1.59 -26.84 -13.71
C ALA D 123 0.40 -26.23 -14.38
N ILE D 124 0.39 -24.91 -14.43
CA ILE D 124 -0.57 -24.22 -15.26
C ILE D 124 -0.18 -24.59 -16.69
N ALA D 125 -1.14 -25.03 -17.48
CA ALA D 125 -0.86 -25.38 -18.86
C ALA D 125 -1.68 -24.41 -19.62
N ALA D 126 -0.97 -23.43 -20.18
CA ALA D 126 -1.63 -22.27 -20.74
C ALA D 126 -2.09 -22.42 -22.17
N GLY D 127 -1.82 -23.57 -22.78
CA GLY D 127 -2.23 -23.79 -24.18
C GLY D 127 -3.74 -23.71 -24.41
N ASP D 128 -4.19 -23.53 -25.65
CA ASP D 128 -5.64 -23.37 -25.83
C ASP D 128 -6.43 -24.61 -25.46
N TYR D 129 -5.77 -25.73 -25.30
CA TYR D 129 -6.50 -26.94 -24.93
C TYR D 129 -6.82 -27.03 -23.45
N SER D 130 -5.80 -26.89 -22.64
CA SER D 130 -5.93 -26.92 -21.21
C SER D 130 -6.36 -25.60 -20.60
N ARG D 131 -6.35 -24.55 -21.44
CA ARG D 131 -6.92 -23.22 -21.18
C ARG D 131 -6.50 -22.62 -19.80
N GLY D 132 -5.29 -22.95 -19.34
CA GLY D 132 -4.78 -22.56 -18.03
C GLY D 132 -4.84 -23.56 -16.89
N PHE D 133 -5.82 -24.44 -16.92
CA PHE D 133 -5.99 -25.42 -15.84
C PHE D 133 -4.86 -26.42 -15.70
N TRP D 134 -4.78 -27.10 -14.55
CA TRP D 134 -3.52 -27.76 -14.22
C TRP D 134 -3.30 -29.09 -14.89
N ALA D 135 -2.03 -29.40 -15.14
CA ALA D 135 -1.64 -30.74 -15.58
C ALA D 135 -0.58 -31.21 -14.62
N ASP D 136 -0.54 -32.52 -14.36
CA ASP D 136 0.57 -33.08 -13.55
C ASP D 136 1.61 -33.73 -14.44
N VAL D 137 2.87 -33.57 -14.07
CA VAL D 137 3.96 -33.83 -14.96
C VAL D 137 5.01 -34.41 -14.05
N TYR D 138 6.13 -34.81 -14.60
CA TYR D 138 7.09 -35.48 -13.73
C TYR D 138 8.05 -34.50 -13.14
N SER D 139 8.42 -34.81 -11.91
CA SER D 139 9.25 -33.90 -11.15
C SER D 139 10.50 -33.36 -11.90
N ASN D 140 11.09 -34.12 -12.79
CA ASN D 140 12.34 -33.69 -13.40
C ASN D 140 12.11 -32.97 -14.75
N ASN D 141 10.87 -32.85 -15.17
CA ASN D 141 10.56 -31.90 -16.26
C ASN D 141 11.10 -30.51 -15.92
N ASN D 142 11.64 -29.80 -16.90
CA ASN D 142 12.21 -28.47 -16.72
C ASN D 142 11.25 -27.38 -17.26
N PHE D 143 10.64 -26.53 -16.43
CA PHE D 143 9.73 -25.47 -16.93
C PHE D 143 9.92 -24.11 -16.28
N LYS D 144 9.26 -23.09 -16.83
CA LYS D 144 9.07 -21.78 -16.16
C LYS D 144 8.23 -21.98 -14.90
N TYR D 145 8.30 -21.07 -13.95
CA TYR D 145 7.60 -21.30 -12.69
C TYR D 145 7.06 -20.02 -12.16
N ILE D 146 6.13 -20.09 -11.20
CA ILE D 146 5.59 -18.86 -10.54
C ILE D 146 5.88 -18.84 -9.06
N CYS D 147 6.51 -17.79 -8.54
CA CYS D 147 6.67 -17.75 -7.08
C CYS D 147 5.69 -16.81 -6.46
N GLN D 148 5.46 -17.04 -5.18
CA GLN D 148 4.71 -16.11 -4.39
C GLN D 148 5.58 -15.75 -3.22
N LEU D 149 5.52 -14.48 -2.84
CA LEU D 149 6.25 -14.06 -1.64
C LEU D 149 5.50 -14.52 -0.45
N PRO D 150 6.15 -14.63 0.70
CA PRO D 150 5.43 -15.14 1.90
C PRO D 150 4.08 -14.46 2.15
N CYS D 151 3.09 -15.29 2.42
CA CYS D 151 1.77 -14.81 2.67
C CYS D 151 1.58 -14.53 4.16
N VAL D 152 1.27 -13.28 4.47
CA VAL D 152 1.09 -12.91 5.86
C VAL D 152 -0.02 -11.87 6.03
N HIS D 153 -0.68 -11.92 7.19
CA HIS D 153 -1.67 -10.90 7.56
C HIS D 153 -1.51 -10.55 9.06
N TYR D 154 -1.99 -9.35 9.43
CA TYR D 154 -2.05 -8.93 10.82
C TYR D 154 -3.16 -9.64 11.55
N THR D 155 -2.91 -10.03 12.80
CA THR D 155 -3.91 -10.63 13.64
C THR D 155 -4.26 -9.54 14.67
N LEU D 156 -5.48 -9.00 14.65
CA LEU D 156 -5.84 -8.01 15.66
C LEU D 156 -6.83 -8.51 16.77
N GLU D 157 -6.75 -9.81 17.15
CA GLU D 157 -8.00 -10.69 17.15
C GLU D 157 -9.38 -9.98 17.35
CA CA E . -31.04 17.89 15.91
CA CA F . 14.29 10.94 34.39
CA CA G . 18.22 7.07 -33.53
CA CA H . -0.54 -35.37 -16.78
#